data_5U9L
#
_entry.id   5U9L
#
_cell.length_a   44.533
_cell.length_b   124.546
_cell.length_c   130.046
_cell.angle_alpha   90.000
_cell.angle_beta   90.000
_cell.angle_gamma   90.000
#
_symmetry.space_group_name_H-M   'C 2 2 21'
#
loop_
_entity.id
_entity.type
_entity.pdbx_description
1 polymer 'PARALOG OF ACCUMULATION AND REPLICATION OF CHLOROPLASTS 6 (PARC6)'
2 non-polymer 'MAGNESIUM ION'
3 water water
#
_entity_poly.entity_id   1
_entity_poly.type   'polypeptide(L)'
_entity_poly.pdbx_seq_one_letter_code
;MGHHHHHHMSGIRSGRLQSMPISVSARPHSESDSFLWKTESGNFRKNLDSVNRNGIVGNIKVLIDMLKMHCGEHPDALYL
KSSGQSATSLSHSASELHKRPMDTEEAEELVRQWENVKAEALGPTHQVYSLSEVLDESMLVQWQTLAQTAEAKSCYWRFV
LLHLEVLQAHIFEDGIAGEAAEIEALLEEAAELVDESQPKNAKYYSTYKIRYILKKQEDGLWKFCQSDIQIQK
;
_entity_poly.pdbx_strand_id   A,B
#
# COMPACT_ATOMS: atom_id res chain seq x y z
N GLY A 55 19.05 5.12 19.80
CA GLY A 55 19.45 6.03 18.73
C GLY A 55 18.40 6.13 17.66
N ILE A 56 18.24 5.05 16.88
CA ILE A 56 17.27 5.02 15.80
C ILE A 56 15.85 5.10 16.36
N VAL A 57 14.95 5.74 15.60
CA VAL A 57 13.55 5.88 15.99
C VAL A 57 12.72 4.83 15.27
N GLY A 58 11.80 4.21 16.02
CA GLY A 58 10.78 3.36 15.42
C GLY A 58 11.36 2.33 14.47
N ASN A 59 10.76 2.26 13.28
CA ASN A 59 10.97 1.21 12.30
C ASN A 59 12.10 1.53 11.33
N ILE A 60 12.81 2.64 11.56
CA ILE A 60 13.62 3.26 10.53
C ILE A 60 14.64 2.29 9.98
N LYS A 61 15.32 1.55 10.85
CA LYS A 61 16.41 0.67 10.44
C LYS A 61 15.96 -0.29 9.36
N VAL A 62 14.87 -1.03 9.62
CA VAL A 62 14.41 -2.04 8.68
C VAL A 62 14.13 -1.42 7.33
N LEU A 63 13.52 -0.24 7.32
CA LEU A 63 13.20 0.41 6.06
C LEU A 63 14.46 0.78 5.31
N ILE A 64 15.53 1.13 6.03
CA ILE A 64 16.77 1.50 5.36
C ILE A 64 17.42 0.27 4.74
N ASP A 65 17.35 -0.87 5.43
CA ASP A 65 17.96 -2.10 4.93
C ASP A 65 17.23 -2.63 3.71
N MET A 66 15.89 -2.64 3.74
CA MET A 66 15.19 -3.09 2.55
C MET A 66 15.34 -2.08 1.44
N LEU A 67 15.49 -0.79 1.79
CA LEU A 67 15.87 0.19 0.78
C LEU A 67 17.26 -0.09 0.24
N LYS A 68 18.19 -0.53 1.09
CA LYS A 68 19.54 -0.81 0.63
C LYS A 68 19.60 -2.05 -0.26
N MET A 69 18.91 -3.13 0.13
CA MET A 69 19.05 -4.42 -0.55
C MET A 69 18.22 -4.51 -1.83
N HIS A 70 16.98 -4.04 -1.78
CA HIS A 70 16.01 -4.21 -2.85
C HIS A 70 15.71 -2.95 -3.66
N CYS A 71 16.52 -1.90 -3.52
CA CYS A 71 16.42 -0.75 -4.41
C CYS A 71 17.78 -0.38 -5.03
N HIS A 98 0.95 15.96 38.22
CA HIS A 98 2.08 15.30 37.58
C HIS A 98 1.69 14.71 36.22
N LYS A 99 0.84 13.67 36.24
CA LYS A 99 0.56 12.83 35.10
C LYS A 99 -0.96 12.65 34.95
N ARG A 100 -1.47 12.88 33.74
CA ARG A 100 -2.89 12.83 33.40
C ARG A 100 -3.13 11.87 32.23
N PRO A 101 -4.21 11.09 32.27
CA PRO A 101 -4.53 10.24 31.12
C PRO A 101 -4.99 11.05 29.92
N MET A 102 -4.64 10.53 28.74
CA MET A 102 -5.11 11.05 27.46
C MET A 102 -6.28 10.20 26.99
N ASP A 103 -7.34 10.86 26.49
CA ASP A 103 -8.46 10.10 25.96
C ASP A 103 -7.98 9.21 24.82
N THR A 104 -8.25 7.91 24.93
CA THR A 104 -7.72 6.95 23.97
C THR A 104 -8.10 7.29 22.53
N GLU A 105 -9.28 7.88 22.32
CA GLU A 105 -9.65 8.20 20.94
C GLU A 105 -8.85 9.37 20.41
N GLU A 106 -8.57 10.38 21.24
CA GLU A 106 -7.54 11.35 20.88
C GLU A 106 -6.26 10.64 20.48
N ALA A 107 -5.79 9.69 21.31
CA ALA A 107 -4.58 8.93 20.98
C ALA A 107 -4.74 8.17 19.67
N GLU A 108 -5.91 7.57 19.45
CA GLU A 108 -6.16 6.83 18.20
C GLU A 108 -6.06 7.75 16.99
N GLU A 109 -6.66 8.94 17.07
CA GLU A 109 -6.55 9.89 15.96
C GLU A 109 -5.10 10.24 15.67
N LEU A 110 -4.31 10.48 16.73
CA LEU A 110 -2.94 10.96 16.54
C LEU A 110 -2.07 9.91 15.87
N VAL A 111 -2.21 8.64 16.26
CA VAL A 111 -1.43 7.60 15.58
C VAL A 111 -1.89 7.44 14.13
N ARG A 112 -3.20 7.50 13.88
CA ARG A 112 -3.69 7.32 12.51
C ARG A 112 -3.23 8.45 11.60
N GLN A 113 -3.26 9.69 12.10
CA GLN A 113 -2.75 10.82 11.34
C GLN A 113 -1.28 10.61 10.99
N TRP A 114 -0.47 10.19 11.97
CA TRP A 114 0.96 9.95 11.69
C TRP A 114 1.14 8.81 10.69
N GLU A 115 0.45 7.70 10.91
CA GLU A 115 0.62 6.59 9.98
C GLU A 115 0.15 6.97 8.58
N ASN A 116 -0.79 7.92 8.48
CA ASN A 116 -1.17 8.41 7.16
C ASN A 116 -0.10 9.31 6.54
N VAL A 117 0.53 10.17 7.34
CA VAL A 117 1.54 11.07 6.79
C VAL A 117 2.77 10.28 6.39
N LYS A 118 3.09 9.22 7.14
CA LYS A 118 4.24 8.39 6.80
C LYS A 118 4.05 7.71 5.44
N ALA A 119 2.86 7.16 5.19
CA ALA A 119 2.59 6.52 3.91
C ALA A 119 2.62 7.50 2.75
N GLU A 120 2.27 8.76 3.01
CA GLU A 120 2.29 9.78 1.96
C GLU A 120 3.69 10.37 1.76
N ALA A 121 4.46 10.53 2.85
CA ALA A 121 5.84 10.97 2.69
C ALA A 121 6.71 9.90 2.01
N LEU A 122 6.42 8.62 2.27
CA LEU A 122 7.22 7.54 1.71
C LEU A 122 6.61 6.97 0.44
N GLY A 123 5.49 7.51 -0.01
CA GLY A 123 4.78 6.97 -1.14
C GLY A 123 5.19 7.62 -2.44
N PRO A 124 4.42 7.35 -3.51
CA PRO A 124 4.82 7.80 -4.85
C PRO A 124 4.75 9.30 -5.03
N THR A 125 3.98 10.02 -4.22
CA THR A 125 3.94 11.48 -4.31
C THR A 125 5.04 12.13 -3.47
N HIS A 126 5.69 11.38 -2.59
CA HIS A 126 6.88 11.83 -1.87
C HIS A 126 6.64 13.12 -1.08
N GLN A 127 5.66 13.10 -0.18
CA GLN A 127 5.32 14.34 0.51
C GLN A 127 6.18 14.41 1.78
N VAL A 128 7.33 15.04 1.63
CA VAL A 128 8.31 15.07 2.71
C VAL A 128 8.00 16.22 3.66
N TYR A 129 7.65 17.38 3.12
CA TYR A 129 7.34 18.52 3.97
C TYR A 129 6.28 18.14 4.98
N SER A 130 5.28 17.39 4.54
CA SER A 130 4.19 16.99 5.41
C SER A 130 4.67 16.34 6.70
N LEU A 131 5.85 15.72 6.70
CA LEU A 131 6.40 15.16 7.93
C LEU A 131 6.50 16.21 9.02
N SER A 132 6.89 17.44 8.65
CA SER A 132 7.01 18.54 9.61
C SER A 132 5.70 18.85 10.32
N GLU A 133 4.57 18.39 9.78
CA GLU A 133 3.28 18.72 10.39
C GLU A 133 2.94 17.83 11.57
N VAL A 134 3.35 16.55 11.56
CA VAL A 134 3.12 15.65 12.68
C VAL A 134 4.37 15.30 13.50
N LEU A 135 5.58 15.65 13.05
CA LEU A 135 6.79 15.16 13.71
C LEU A 135 7.68 16.32 14.14
N ASP A 136 8.55 16.03 15.10
CA ASP A 136 9.57 16.97 15.55
C ASP A 136 10.77 16.22 16.07
N GLU A 137 11.87 16.95 16.26
CA GLU A 137 13.05 16.46 16.99
C GLU A 137 13.60 15.25 16.25
N SER A 138 13.88 14.14 16.93
CA SER A 138 14.54 13.04 16.26
C SER A 138 13.63 12.30 15.29
N MET A 139 12.34 12.18 15.59
CA MET A 139 11.40 11.63 14.61
C MET A 139 11.55 12.35 13.28
N LEU A 140 11.38 13.68 13.31
CA LEU A 140 11.35 14.43 12.07
C LEU A 140 12.64 14.29 11.29
N VAL A 141 13.78 14.41 11.98
CA VAL A 141 15.06 14.37 11.29
C VAL A 141 15.28 13.01 10.62
N GLN A 142 14.97 11.92 11.32
CA GLN A 142 15.28 10.60 10.79
C GLN A 142 14.31 10.20 9.70
N TRP A 143 13.02 10.51 9.85
CA TRP A 143 12.04 10.12 8.85
C TRP A 143 12.19 10.97 7.59
N GLN A 144 12.47 12.26 7.77
CA GLN A 144 12.71 13.14 6.62
C GLN A 144 13.88 12.62 5.81
N THR A 145 14.95 12.23 6.49
CA THR A 145 16.13 11.73 5.81
C THR A 145 15.81 10.48 5.00
N LEU A 146 15.09 9.54 5.60
CA LEU A 146 14.69 8.33 4.89
C LEU A 146 13.85 8.67 3.66
N ALA A 147 12.88 9.57 3.80
CA ALA A 147 12.01 9.90 2.67
C ALA A 147 12.77 10.58 1.53
N GLN A 148 13.72 11.47 1.85
CA GLN A 148 14.49 12.11 0.79
C GLN A 148 15.43 11.11 0.11
N THR A 149 15.87 10.08 0.84
CA THR A 149 16.71 9.06 0.23
C THR A 149 15.93 8.19 -0.74
N ALA A 150 14.76 7.69 -0.33
CA ALA A 150 13.96 6.87 -1.24
C ALA A 150 13.70 7.62 -2.54
N GLU A 151 13.35 8.91 -2.42
CA GLU A 151 13.13 9.73 -3.61
C GLU A 151 14.39 9.87 -4.43
N ALA A 152 15.55 10.00 -3.76
CA ALA A 152 16.80 10.13 -4.48
C ALA A 152 17.13 8.88 -5.27
N LYS A 153 16.62 7.72 -4.85
CA LYS A 153 16.84 6.48 -5.57
C LYS A 153 15.69 6.13 -6.51
N SER A 154 14.67 6.99 -6.59
CA SER A 154 13.49 6.73 -7.42
C SER A 154 12.80 5.43 -7.01
N CYS A 155 12.70 5.20 -5.71
CA CYS A 155 11.94 4.11 -5.13
C CYS A 155 10.88 4.72 -4.21
N TYR A 156 9.74 4.02 -4.06
CA TYR A 156 8.72 4.44 -3.09
C TYR A 156 8.10 3.20 -2.46
N TRP A 157 7.48 3.40 -1.29
CA TRP A 157 6.76 2.36 -0.56
C TRP A 157 5.27 2.59 -0.66
N ARG A 158 4.53 1.49 -0.72
CA ARG A 158 3.10 1.49 -0.44
C ARG A 158 2.87 0.85 0.91
N PHE A 159 2.31 1.61 1.84
CA PHE A 159 2.02 1.10 3.19
C PHE A 159 0.53 0.87 3.35
N VAL A 160 0.20 -0.17 4.10
CA VAL A 160 -1.17 -0.45 4.48
C VAL A 160 -1.15 -0.75 5.98
N LEU A 161 -1.90 0.04 6.74
CA LEU A 161 -2.05 -0.21 8.17
C LEU A 161 -3.22 -1.18 8.36
N LEU A 162 -2.90 -2.41 8.80
CA LEU A 162 -3.88 -3.48 8.93
C LEU A 162 -4.62 -3.52 10.27
N HIS A 163 -3.96 -3.20 11.39
CA HIS A 163 -4.62 -3.18 12.69
C HIS A 163 -3.94 -2.17 13.60
N LEU A 164 -4.74 -1.48 14.41
CA LEU A 164 -4.26 -0.46 15.34
C LEU A 164 -5.04 -0.54 16.64
N GLU A 165 -4.32 -0.64 17.76
CA GLU A 165 -4.92 -0.64 19.08
C GLU A 165 -4.05 0.22 19.99
N VAL A 166 -4.62 1.27 20.55
CA VAL A 166 -3.94 2.01 21.60
C VAL A 166 -4.15 1.25 22.90
N LEU A 167 -3.06 0.74 23.50
CA LEU A 167 -3.18 0.07 24.79
C LEU A 167 -3.19 1.07 25.94
N GLN A 168 -2.39 2.13 25.84
CA GLN A 168 -2.26 3.08 26.95
C GLN A 168 -1.85 4.44 26.40
N ALA A 169 -2.35 5.50 27.04
CA ALA A 169 -1.97 6.86 26.66
C ALA A 169 -2.12 7.79 27.86
N HIS A 170 -1.16 8.71 28.04
CA HIS A 170 -1.28 9.70 29.09
C HIS A 170 -0.35 10.88 28.85
N ILE A 171 -0.69 12.00 29.50
CA ILE A 171 0.03 13.26 29.39
C ILE A 171 0.78 13.49 30.68
N PHE A 172 1.96 14.11 30.57
CA PHE A 172 2.70 14.45 31.78
C PHE A 172 3.38 15.78 31.58
N GLU A 173 3.71 16.42 32.70
CA GLU A 173 4.39 17.71 32.65
C GLU A 173 5.86 17.51 32.31
N ASP A 174 6.38 18.34 31.41
CA ASP A 174 7.77 18.22 30.94
C ASP A 174 8.48 19.56 31.08
N GLY A 175 9.47 19.63 31.96
CA GLY A 175 10.24 20.84 32.13
C GLY A 175 9.43 21.95 32.79
N ILE A 176 10.06 23.12 32.90
CA ILE A 176 9.38 24.25 33.55
C ILE A 176 8.09 24.58 32.82
N ALA A 177 8.17 24.78 31.50
CA ALA A 177 6.99 24.98 30.67
C ALA A 177 7.09 24.05 29.47
N GLY A 178 6.23 23.04 29.44
CA GLY A 178 6.10 22.15 28.31
C GLY A 178 5.21 21.00 28.68
N GLU A 179 4.64 20.33 27.67
CA GLU A 179 3.75 19.21 27.91
C GLU A 179 4.19 18.07 27.01
N ALA A 180 4.10 16.85 27.53
CA ALA A 180 4.43 15.67 26.75
C ALA A 180 3.40 14.57 27.01
N ALA A 181 3.40 13.59 26.12
CA ALA A 181 2.49 12.47 26.24
C ALA A 181 3.21 11.20 25.82
N GLU A 182 2.67 10.08 26.29
CA GLU A 182 3.14 8.77 25.90
C GLU A 182 1.97 7.95 25.38
N ILE A 183 2.13 7.35 24.20
CA ILE A 183 1.13 6.49 23.58
C ILE A 183 1.77 5.11 23.39
N GLU A 184 1.08 4.07 23.83
CA GLU A 184 1.54 2.70 23.63
C GLU A 184 0.53 1.97 22.76
N ALA A 185 0.98 1.43 21.63
CA ALA A 185 0.05 0.88 20.65
C ALA A 185 0.54 -0.42 20.04
N LEU A 186 -0.40 -1.34 19.80
CA LEU A 186 -0.16 -2.50 18.96
C LEU A 186 -0.50 -2.15 17.51
N LEU A 187 0.45 -2.41 16.61
CA LEU A 187 0.29 -2.12 15.20
C LEU A 187 0.56 -3.37 14.37
N GLU A 188 -0.10 -3.42 13.23
CA GLU A 188 0.14 -4.45 12.24
C GLU A 188 0.09 -3.74 10.91
N GLU A 189 1.17 -3.83 10.15
CA GLU A 189 1.21 -3.16 8.86
C GLU A 189 1.88 -4.07 7.85
N ALA A 190 1.71 -3.70 6.60
CA ALA A 190 2.33 -4.36 5.47
C ALA A 190 2.86 -3.28 4.54
N ALA A 191 3.93 -3.60 3.81
CA ALA A 191 4.44 -2.60 2.89
C ALA A 191 5.15 -3.29 1.75
N GLU A 192 5.22 -2.55 0.64
CA GLU A 192 5.79 -3.01 -0.61
C GLU A 192 6.72 -1.91 -1.09
N LEU A 193 7.99 -2.24 -1.32
CA LEU A 193 8.96 -1.29 -1.86
C LEU A 193 8.94 -1.43 -3.36
N VAL A 194 8.58 -0.35 -4.06
CA VAL A 194 8.43 -0.38 -5.51
C VAL A 194 9.71 0.12 -6.14
N ASP A 195 10.32 -0.72 -6.96
CA ASP A 195 11.44 -0.33 -7.80
C ASP A 195 11.07 -0.67 -9.23
N GLU A 196 11.10 0.32 -10.11
CA GLU A 196 10.84 0.09 -11.52
C GLU A 196 11.74 -1.00 -12.09
N SER A 197 12.93 -1.19 -11.50
CA SER A 197 13.96 -2.05 -12.10
C SER A 197 13.57 -3.52 -12.02
N GLN A 198 12.92 -3.96 -10.95
CA GLN A 198 12.70 -5.40 -10.94
C GLN A 198 11.23 -5.75 -10.84
N PRO A 199 10.80 -6.85 -11.46
CA PRO A 199 9.36 -7.19 -11.44
C PRO A 199 8.85 -7.46 -10.04
N LYS A 200 9.59 -8.26 -9.26
CA LYS A 200 9.24 -8.47 -7.87
C LYS A 200 9.53 -7.23 -7.05
N ASN A 201 8.62 -6.92 -6.15
CA ASN A 201 8.82 -5.87 -5.15
C ASN A 201 9.15 -6.55 -3.83
N ALA A 202 10.11 -5.99 -3.11
CA ALA A 202 10.35 -6.45 -1.75
C ALA A 202 9.11 -6.17 -0.91
N LYS A 203 8.76 -7.14 -0.07
CA LYS A 203 7.51 -7.18 0.68
C LYS A 203 7.85 -7.14 2.15
N TYR A 204 7.27 -6.21 2.88
CA TYR A 204 7.49 -6.10 4.31
C TYR A 204 6.17 -6.34 5.04
N TYR A 205 6.22 -7.14 6.10
CA TYR A 205 5.04 -7.38 6.93
C TYR A 205 5.47 -7.50 8.39
N SER A 206 4.72 -6.86 9.28
CA SER A 206 5.14 -6.80 10.68
C SER A 206 3.96 -6.59 11.63
N THR A 207 4.14 -7.05 12.87
CA THR A 207 3.26 -6.74 13.99
C THR A 207 4.13 -6.39 15.17
N TYR A 208 3.82 -5.27 15.83
CA TYR A 208 4.70 -4.81 16.88
C TYR A 208 3.95 -3.96 17.91
N LYS A 209 4.52 -3.91 19.10
CA LYS A 209 4.13 -2.94 20.12
C LYS A 209 5.12 -1.78 20.07
N ILE A 210 4.60 -0.58 19.91
CA ILE A 210 5.46 0.58 19.82
C ILE A 210 5.04 1.58 20.89
N ARG A 211 6.00 2.43 21.26
CA ARG A 211 5.84 3.45 22.30
C ARG A 211 6.22 4.79 21.66
N TYR A 212 5.30 5.75 21.71
CA TYR A 212 5.53 7.09 21.16
C TYR A 212 5.63 8.11 22.29
N ILE A 213 6.55 9.06 22.16
CA ILE A 213 6.62 10.23 23.03
C ILE A 213 6.30 11.46 22.18
N LEU A 214 5.28 12.21 22.58
CA LEU A 214 4.84 13.39 21.85
C LEU A 214 5.05 14.62 22.73
N LYS A 215 5.15 15.79 22.08
CA LYS A 215 5.34 17.06 22.76
C LYS A 215 4.33 18.07 22.23
N LYS A 216 3.53 18.63 23.13
CA LYS A 216 2.62 19.69 22.73
C LYS A 216 3.43 20.93 22.36
N GLN A 217 3.10 21.55 21.23
CA GLN A 217 3.92 22.61 20.69
C GLN A 217 3.46 23.97 21.22
N GLU A 218 4.02 25.04 20.67
CA GLU A 218 3.58 26.39 21.02
C GLU A 218 2.14 26.64 20.61
N ASP A 219 1.69 26.03 19.52
CA ASP A 219 0.29 25.99 19.14
C ASP A 219 -0.41 24.89 19.93
N GLY A 220 -1.62 24.54 19.51
CA GLY A 220 -2.38 23.55 20.26
C GLY A 220 -1.84 22.13 20.16
N LEU A 221 -1.64 21.63 18.94
CA LEU A 221 -1.56 20.19 18.70
C LEU A 221 -0.21 19.59 19.14
N TRP A 222 -0.24 18.27 19.31
CA TRP A 222 0.89 17.42 19.61
C TRP A 222 1.71 17.13 18.36
N LYS A 223 2.96 16.73 18.58
CA LYS A 223 3.85 16.23 17.53
C LYS A 223 4.72 15.10 18.08
N PHE A 224 4.87 14.03 17.30
CA PHE A 224 5.71 12.91 17.71
C PHE A 224 7.18 13.31 17.68
N CYS A 225 7.90 12.95 18.74
CA CYS A 225 9.30 13.28 18.90
C CYS A 225 10.21 12.06 18.85
N GLN A 226 9.90 11.04 19.65
CA GLN A 226 10.64 9.78 19.62
C GLN A 226 9.65 8.62 19.56
N SER A 227 10.11 7.49 19.03
CA SER A 227 9.33 6.26 19.09
C SER A 227 10.27 5.08 19.22
N ASP A 228 9.85 4.12 20.05
CA ASP A 228 10.61 2.91 20.28
C ASP A 228 9.69 1.73 19.98
N ILE A 229 10.18 0.78 19.20
CA ILE A 229 9.51 -0.50 19.01
C ILE A 229 10.02 -1.44 20.09
N GLN A 230 9.13 -1.82 21.00
CA GLN A 230 9.40 -2.67 22.15
C GLN A 230 9.27 -4.16 21.88
N ILE A 231 8.31 -4.60 21.06
CA ILE A 231 8.05 -6.03 20.87
C ILE A 231 7.91 -6.32 19.38
N GLN A 232 8.66 -7.30 18.90
CA GLN A 232 8.70 -7.69 17.49
C GLN A 232 8.98 -6.53 16.54
N ILE B 56 -18.22 -7.59 -13.74
CA ILE B 56 -18.26 -9.02 -14.03
C ILE B 56 -16.85 -9.62 -14.00
N VAL B 57 -15.79 -8.83 -14.30
CA VAL B 57 -14.44 -9.36 -14.11
C VAL B 57 -14.16 -9.51 -12.62
N GLY B 58 -13.17 -10.34 -12.31
CA GLY B 58 -12.97 -10.78 -10.93
C GLY B 58 -12.58 -9.65 -9.99
N ASN B 59 -13.19 -9.67 -8.80
CA ASN B 59 -12.79 -8.90 -7.62
C ASN B 59 -13.20 -7.43 -7.66
N ILE B 60 -13.56 -6.92 -8.83
CA ILE B 60 -13.76 -5.48 -8.95
C ILE B 60 -15.05 -5.04 -8.24
N LYS B 61 -16.02 -5.94 -8.08
CA LYS B 61 -17.22 -5.59 -7.33
C LYS B 61 -16.92 -5.21 -5.88
N VAL B 62 -15.97 -5.92 -5.26
CA VAL B 62 -15.61 -5.60 -3.87
C VAL B 62 -15.08 -4.19 -3.77
N LEU B 63 -14.27 -3.76 -4.74
CA LEU B 63 -13.68 -2.43 -4.65
C LEU B 63 -14.69 -1.33 -4.96
N ILE B 64 -15.68 -1.63 -5.80
CA ILE B 64 -16.75 -0.66 -6.05
C ILE B 64 -17.60 -0.49 -4.81
N ASP B 65 -18.03 -1.60 -4.20
CA ASP B 65 -18.71 -1.54 -2.93
C ASP B 65 -17.91 -0.72 -1.93
N MET B 66 -16.63 -1.04 -1.78
CA MET B 66 -15.77 -0.28 -0.87
C MET B 66 -15.79 1.20 -1.20
N LEU B 67 -15.74 1.54 -2.48
CA LEU B 67 -15.79 2.95 -2.86
C LEU B 67 -17.12 3.59 -2.51
N LYS B 68 -18.20 2.81 -2.46
CA LYS B 68 -19.51 3.38 -2.14
C LYS B 68 -19.65 3.59 -0.64
N MET B 69 -19.32 2.58 0.16
CA MET B 69 -19.55 2.68 1.59
C MET B 69 -18.50 3.52 2.31
N HIS B 70 -17.39 3.82 1.66
CA HIS B 70 -16.40 4.76 2.14
C HIS B 70 -16.17 5.71 1.00
N CYS B 71 -16.02 6.99 1.28
CA CYS B 71 -15.66 7.89 0.19
C CYS B 71 -16.70 7.91 -0.96
N LEU B 97 -6.91 -27.31 -31.87
CA LEU B 97 -6.85 -26.97 -30.45
C LEU B 97 -5.51 -27.40 -29.86
N HIS B 98 -4.47 -26.61 -30.12
CA HIS B 98 -3.12 -26.94 -29.67
C HIS B 98 -2.87 -26.26 -28.32
N LYS B 99 -2.77 -27.07 -27.27
CA LYS B 99 -2.39 -26.59 -25.95
C LYS B 99 -0.87 -26.77 -25.76
N ARG B 100 -0.24 -25.80 -25.09
CA ARG B 100 1.16 -25.84 -24.77
C ARG B 100 1.32 -25.25 -23.37
N PRO B 101 2.21 -25.77 -22.54
CA PRO B 101 2.39 -25.15 -21.23
C PRO B 101 3.10 -23.82 -21.40
N MET B 102 2.76 -22.91 -20.51
CA MET B 102 3.39 -21.61 -20.46
C MET B 102 4.48 -21.62 -19.41
N ASP B 103 5.58 -20.91 -19.70
CA ASP B 103 6.68 -20.73 -18.75
C ASP B 103 6.16 -20.14 -17.44
N THR B 104 6.47 -20.80 -16.32
CA THR B 104 5.93 -20.35 -15.04
C THR B 104 6.54 -19.03 -14.61
N GLU B 105 7.83 -18.83 -14.90
CA GLU B 105 8.46 -17.55 -14.58
C GLU B 105 7.82 -16.40 -15.35
N GLU B 106 7.58 -16.61 -16.65
CA GLU B 106 6.93 -15.55 -17.43
C GLU B 106 5.51 -15.28 -16.92
N ALA B 107 4.75 -16.33 -16.64
CA ALA B 107 3.36 -16.14 -16.24
C ALA B 107 3.31 -15.34 -14.96
N GLU B 108 4.26 -15.59 -14.08
CA GLU B 108 4.35 -14.84 -12.84
C GLU B 108 4.71 -13.38 -13.10
N GLU B 109 5.60 -13.12 -14.09
CA GLU B 109 5.98 -11.74 -14.38
C GLU B 109 4.80 -10.94 -14.91
N LEU B 110 3.95 -11.56 -15.73
CA LEU B 110 2.77 -10.88 -16.23
C LEU B 110 1.83 -10.49 -15.09
N VAL B 111 1.52 -11.44 -14.21
CA VAL B 111 0.64 -11.14 -13.08
C VAL B 111 1.22 -10.03 -12.22
N ARG B 112 2.49 -10.17 -11.81
CA ARG B 112 3.14 -9.16 -11.00
C ARG B 112 3.04 -7.78 -11.65
N GLN B 113 3.31 -7.72 -12.94
CA GLN B 113 3.20 -6.46 -13.66
C GLN B 113 1.78 -5.93 -13.57
N TRP B 114 0.80 -6.79 -13.80
CA TRP B 114 -0.58 -6.36 -13.68
C TRP B 114 -0.86 -5.85 -12.25
N GLU B 115 -0.52 -6.64 -11.24
CA GLU B 115 -0.78 -6.20 -9.88
C GLU B 115 -0.21 -4.82 -9.62
N ASN B 116 1.03 -4.60 -10.04
CA ASN B 116 1.64 -3.30 -9.81
C ASN B 116 0.97 -2.19 -10.63
N VAL B 117 0.43 -2.51 -11.81
CA VAL B 117 -0.28 -1.49 -12.59
C VAL B 117 -1.62 -1.15 -11.92
N LYS B 118 -2.33 -2.18 -11.45
CA LYS B 118 -3.56 -1.96 -10.68
C LYS B 118 -3.30 -1.07 -9.47
N ALA B 119 -2.23 -1.34 -8.74
CA ALA B 119 -1.90 -0.52 -7.57
C ALA B 119 -1.69 0.94 -7.95
N GLU B 120 -1.04 1.18 -9.11
CA GLU B 120 -0.72 2.56 -9.49
C GLU B 120 -1.90 3.27 -10.14
N ALA B 121 -2.70 2.53 -10.92
CA ALA B 121 -3.89 3.15 -11.51
C ALA B 121 -4.87 3.59 -10.43
N LEU B 122 -5.01 2.78 -9.37
CA LEU B 122 -5.87 3.07 -8.23
C LEU B 122 -5.21 3.93 -7.17
N GLY B 123 -3.90 4.15 -7.25
CA GLY B 123 -3.17 4.87 -6.22
C GLY B 123 -3.27 6.39 -6.36
N PRO B 124 -2.51 7.10 -5.53
CA PRO B 124 -2.70 8.56 -5.46
C PRO B 124 -2.28 9.29 -6.72
N THR B 125 -1.40 8.72 -7.55
CA THR B 125 -1.08 9.35 -8.82
C THR B 125 -2.01 8.89 -9.93
N HIS B 126 -2.99 8.04 -9.61
CA HIS B 126 -4.04 7.64 -10.56
C HIS B 126 -3.52 7.39 -11.97
N GLN B 127 -2.67 6.38 -12.17
CA GLN B 127 -2.12 6.22 -13.50
C GLN B 127 -3.13 5.36 -14.25
N VAL B 128 -4.05 6.02 -14.94
CA VAL B 128 -5.12 5.30 -15.61
C VAL B 128 -4.66 4.83 -16.97
N TYR B 129 -3.81 5.62 -17.64
CA TYR B 129 -3.33 5.23 -18.96
C TYR B 129 -2.61 3.89 -18.92
N SER B 130 -1.83 3.64 -17.86
CA SER B 130 -1.03 2.43 -17.80
C SER B 130 -1.89 1.18 -17.88
N LEU B 131 -3.16 1.28 -17.51
CA LEU B 131 -4.07 0.13 -17.58
C LEU B 131 -4.09 -0.47 -18.98
N SER B 132 -4.06 0.37 -20.02
CA SER B 132 -4.14 -0.10 -21.39
C SER B 132 -2.83 -0.73 -21.88
N GLU B 133 -1.75 -0.63 -21.10
CA GLU B 133 -0.54 -1.39 -21.44
C GLU B 133 -0.74 -2.89 -21.17
N VAL B 134 -1.29 -3.24 -20.01
CA VAL B 134 -1.43 -4.65 -19.62
C VAL B 134 -2.83 -5.24 -19.77
N LEU B 135 -3.85 -4.44 -20.07
CA LEU B 135 -5.22 -4.93 -20.12
C LEU B 135 -5.82 -4.70 -21.50
N ASP B 136 -6.87 -5.46 -21.80
CA ASP B 136 -7.66 -5.28 -23.01
C ASP B 136 -9.08 -5.74 -22.72
N GLU B 137 -10.01 -5.39 -23.62
CA GLU B 137 -11.37 -5.94 -23.66
C GLU B 137 -12.10 -5.59 -22.37
N SER B 138 -12.78 -6.55 -21.71
CA SER B 138 -13.60 -6.25 -20.54
C SER B 138 -12.74 -5.86 -19.34
N MET B 139 -11.60 -6.54 -19.15
CA MET B 139 -10.67 -6.17 -18.11
C MET B 139 -10.40 -4.66 -18.17
N LEU B 140 -9.99 -4.19 -19.35
CA LEU B 140 -9.62 -2.79 -19.50
C LEU B 140 -10.80 -1.88 -19.20
N VAL B 141 -11.88 -2.04 -19.95
CA VAL B 141 -13.05 -1.17 -19.76
C VAL B 141 -13.45 -1.11 -18.28
N GLN B 142 -13.55 -2.25 -17.62
CA GLN B 142 -14.07 -2.22 -16.24
C GLN B 142 -13.06 -1.63 -15.27
N TRP B 143 -11.80 -2.06 -15.31
CA TRP B 143 -10.85 -1.48 -14.38
C TRP B 143 -10.58 -0.01 -14.67
N GLN B 144 -10.72 0.40 -15.94
CA GLN B 144 -10.53 1.79 -16.31
C GLN B 144 -11.64 2.66 -15.72
N THR B 145 -12.87 2.15 -15.74
CA THR B 145 -14.00 2.89 -15.18
C THR B 145 -13.80 3.14 -13.69
N LEU B 146 -13.47 2.09 -12.94
CA LEU B 146 -13.36 2.26 -11.50
C LEU B 146 -12.22 3.19 -11.13
N ALA B 147 -11.12 3.14 -11.89
CA ALA B 147 -10.00 4.04 -11.63
C ALA B 147 -10.40 5.48 -11.86
N GLN B 148 -11.21 5.73 -12.89
CA GLN B 148 -11.56 7.10 -13.22
C GLN B 148 -12.53 7.67 -12.21
N THR B 149 -13.52 6.89 -11.79
CA THR B 149 -14.45 7.41 -10.80
C THR B 149 -13.73 7.73 -9.50
N ALA B 150 -12.75 6.90 -9.11
CA ALA B 150 -11.99 7.18 -7.90
C ALA B 150 -11.22 8.48 -8.03
N GLU B 151 -10.47 8.64 -9.12
CA GLU B 151 -9.83 9.92 -9.42
C GLU B 151 -10.85 11.06 -9.42
N ALA B 152 -12.10 10.79 -9.80
CA ALA B 152 -13.12 11.83 -9.81
C ALA B 152 -13.52 12.22 -8.41
N LYS B 153 -13.59 11.25 -7.49
CA LYS B 153 -14.01 11.49 -6.12
C LYS B 153 -12.84 11.82 -5.20
N SER B 154 -11.65 11.99 -5.73
CA SER B 154 -10.48 12.33 -4.92
C SER B 154 -10.24 11.29 -3.81
N CYS B 155 -10.40 10.02 -4.16
CA CYS B 155 -10.02 8.92 -3.29
C CYS B 155 -9.00 8.05 -3.99
N TYR B 156 -8.23 7.32 -3.19
CA TYR B 156 -7.30 6.37 -3.77
C TYR B 156 -7.11 5.22 -2.79
N TRP B 157 -6.60 4.13 -3.32
CA TRP B 157 -6.22 2.97 -2.54
C TRP B 157 -4.71 2.91 -2.43
N ARG B 158 -4.25 2.45 -1.29
CA ARG B 158 -2.90 1.95 -1.16
C ARG B 158 -3.01 0.44 -1.16
N PHE B 159 -2.37 -0.21 -2.14
CA PHE B 159 -2.41 -1.65 -2.35
C PHE B 159 -1.06 -2.30 -2.07
N VAL B 160 -1.07 -3.40 -1.33
CA VAL B 160 0.12 -4.21 -1.09
C VAL B 160 -0.15 -5.63 -1.59
N LEU B 161 0.74 -6.16 -2.40
CA LEU B 161 0.63 -7.55 -2.81
C LEU B 161 1.38 -8.40 -1.80
N LEU B 162 0.65 -9.18 -0.99
CA LEU B 162 1.30 -9.96 0.06
C LEU B 162 1.87 -11.28 -0.46
N HIS B 163 1.20 -11.93 -1.41
CA HIS B 163 1.63 -13.24 -1.85
C HIS B 163 1.14 -13.48 -3.28
N LEU B 164 2.00 -14.10 -4.09
CA LEU B 164 1.65 -14.49 -5.45
C LEU B 164 2.28 -15.84 -5.77
N GLU B 165 1.43 -16.77 -6.20
CA GLU B 165 1.82 -18.13 -6.57
C GLU B 165 1.06 -18.49 -7.83
N VAL B 166 1.76 -18.76 -8.92
CA VAL B 166 1.10 -19.14 -10.17
C VAL B 166 0.84 -20.64 -10.15
N LEU B 167 -0.44 -21.02 -10.25
CA LEU B 167 -0.82 -22.44 -10.11
C LEU B 167 -0.69 -23.20 -11.42
N GLN B 168 -1.17 -22.63 -12.53
CA GLN B 168 -1.10 -23.26 -13.84
C GLN B 168 -1.06 -22.16 -14.89
N ALA B 169 -0.37 -22.42 -16.00
CA ALA B 169 -0.37 -21.49 -17.12
C ALA B 169 -0.30 -22.27 -18.43
N HIS B 170 -1.17 -21.93 -19.38
CA HIS B 170 -1.22 -22.65 -20.65
C HIS B 170 -1.56 -21.70 -21.79
N ILE B 171 -0.76 -21.78 -22.86
CA ILE B 171 -1.07 -21.10 -24.12
C ILE B 171 -1.95 -22.01 -24.97
N PHE B 172 -2.83 -21.41 -25.77
CA PHE B 172 -3.61 -22.21 -26.70
C PHE B 172 -4.09 -21.33 -27.84
N GLU B 173 -4.48 -21.99 -28.93
CA GLU B 173 -5.01 -21.34 -30.12
C GLU B 173 -6.49 -21.74 -30.26
N ASP B 174 -7.39 -20.79 -30.04
CA ASP B 174 -8.83 -21.00 -30.19
C ASP B 174 -9.25 -20.50 -31.57
N GLY B 175 -9.76 -21.40 -32.40
CA GLY B 175 -10.03 -21.05 -33.79
C GLY B 175 -8.79 -20.65 -34.55
N ILE B 176 -7.62 -21.08 -34.08
CA ILE B 176 -6.27 -20.71 -34.54
C ILE B 176 -6.21 -19.19 -34.72
N ALA B 177 -5.59 -18.70 -35.79
CA ALA B 177 -5.15 -17.30 -35.87
C ALA B 177 -4.32 -16.95 -34.63
N GLY B 178 -4.77 -15.99 -33.83
CA GLY B 178 -3.98 -15.53 -32.71
C GLY B 178 -4.08 -16.43 -31.48
N GLU B 179 -3.01 -16.44 -30.69
CA GLU B 179 -2.97 -17.26 -29.48
C GLU B 179 -3.67 -16.58 -28.31
N ALA B 180 -4.15 -17.41 -27.39
CA ALA B 180 -4.73 -17.01 -26.11
C ALA B 180 -3.95 -17.72 -25.01
N ALA B 181 -4.12 -17.27 -23.77
CA ALA B 181 -3.51 -17.98 -22.65
C ALA B 181 -4.41 -17.92 -21.43
N GLU B 182 -4.17 -18.85 -20.51
CA GLU B 182 -4.89 -18.93 -19.25
C GLU B 182 -3.90 -19.06 -18.10
N ILE B 183 -4.13 -18.31 -17.03
CA ILE B 183 -3.26 -18.32 -15.86
C ILE B 183 -4.12 -18.43 -14.61
N GLU B 184 -3.89 -19.48 -13.84
CA GLU B 184 -4.49 -19.62 -12.51
C GLU B 184 -3.45 -19.22 -11.46
N ALA B 185 -3.82 -18.26 -10.63
CA ALA B 185 -2.91 -17.69 -9.65
C ALA B 185 -3.57 -17.69 -8.27
N LEU B 186 -2.74 -17.77 -7.24
CA LEU B 186 -3.15 -17.61 -5.86
C LEU B 186 -2.63 -16.27 -5.35
N LEU B 187 -3.53 -15.38 -4.95
CA LEU B 187 -3.14 -14.02 -4.56
C LEU B 187 -3.59 -13.67 -3.15
N GLU B 188 -2.76 -12.87 -2.49
CA GLU B 188 -3.05 -12.36 -1.15
C GLU B 188 -2.71 -10.87 -1.14
N GLU B 189 -3.69 -10.03 -0.86
CA GLU B 189 -3.48 -8.60 -0.97
C GLU B 189 -4.25 -7.87 0.12
N ALA B 190 -3.77 -6.67 0.44
CA ALA B 190 -4.42 -5.81 1.41
C ALA B 190 -4.54 -4.42 0.81
N ALA B 191 -5.51 -3.64 1.30
CA ALA B 191 -5.51 -2.26 0.82
C ALA B 191 -6.24 -1.39 1.82
N GLU B 192 -5.91 -0.09 1.79
CA GLU B 192 -6.58 0.97 2.52
C GLU B 192 -7.21 1.92 1.51
N LEU B 193 -8.50 2.21 1.67
CA LEU B 193 -9.12 3.28 0.89
C LEU B 193 -8.98 4.58 1.68
N VAL B 194 -8.34 5.58 1.05
CA VAL B 194 -8.01 6.85 1.68
C VAL B 194 -8.96 7.93 1.17
N ASP B 195 -9.71 8.52 2.08
CA ASP B 195 -10.59 9.66 1.81
C ASP B 195 -10.26 10.74 2.81
N GLU B 196 -9.97 11.95 2.33
CA GLU B 196 -9.39 12.96 3.22
C GLU B 196 -10.42 13.49 4.22
N SER B 197 -11.70 13.51 3.86
CA SER B 197 -12.71 13.90 4.84
C SER B 197 -12.69 12.99 6.06
N GLN B 198 -12.24 11.75 5.90
CA GLN B 198 -12.39 10.70 6.90
C GLN B 198 -11.03 10.22 7.40
N PRO B 199 -10.66 10.51 8.66
CA PRO B 199 -9.29 10.18 9.10
C PRO B 199 -9.06 8.69 9.29
N LYS B 200 -10.12 7.90 9.44
CA LYS B 200 -10.01 6.44 9.53
C LYS B 200 -10.28 5.86 8.15
N ASN B 201 -9.32 5.11 7.64
CA ASN B 201 -9.43 4.52 6.32
C ASN B 201 -10.19 3.21 6.36
N ALA B 202 -10.90 2.92 5.29
CA ALA B 202 -11.49 1.59 5.16
C ALA B 202 -10.40 0.62 4.74
N LYS B 203 -10.54 -0.63 5.15
CA LYS B 203 -9.47 -1.61 4.99
C LYS B 203 -9.99 -2.83 4.22
N TYR B 204 -9.13 -3.35 3.34
CA TYR B 204 -9.48 -4.51 2.55
C TYR B 204 -8.37 -5.54 2.67
N TYR B 205 -8.76 -6.80 2.75
CA TYR B 205 -7.79 -7.89 2.77
C TYR B 205 -8.43 -9.09 2.10
N SER B 206 -7.65 -9.79 1.27
CA SER B 206 -8.19 -11.01 0.68
C SER B 206 -7.07 -11.95 0.26
N THR B 207 -7.36 -13.24 0.35
CA THR B 207 -6.59 -14.30 -0.27
C THR B 207 -7.51 -15.03 -1.22
N TYR B 208 -7.11 -15.19 -2.48
CA TYR B 208 -8.03 -15.84 -3.42
C TYR B 208 -7.30 -16.50 -4.57
N LYS B 209 -7.99 -17.46 -5.17
CA LYS B 209 -7.55 -18.12 -6.40
C LYS B 209 -8.29 -17.50 -7.57
N ILE B 210 -7.55 -17.11 -8.60
CA ILE B 210 -8.15 -16.39 -9.73
C ILE B 210 -7.59 -16.98 -11.02
N ARG B 211 -8.43 -16.96 -12.05
CA ARG B 211 -8.14 -17.50 -13.37
C ARG B 211 -8.20 -16.36 -14.38
N TYR B 212 -7.12 -16.19 -15.13
CA TYR B 212 -6.99 -15.10 -16.09
C TYR B 212 -7.00 -15.64 -17.50
N ILE B 213 -7.68 -14.94 -18.39
CA ILE B 213 -7.63 -15.19 -19.83
C ILE B 213 -6.87 -14.03 -20.47
N LEU B 214 -5.88 -14.37 -21.30
CA LEU B 214 -5.05 -13.39 -21.99
C LEU B 214 -5.07 -13.67 -23.49
N LYS B 215 -4.83 -12.62 -24.28
CA LYS B 215 -4.73 -12.74 -25.73
C LYS B 215 -3.44 -12.09 -26.20
N LYS B 216 -2.65 -12.80 -27.00
CA LYS B 216 -1.45 -12.20 -27.54
C LYS B 216 -1.85 -11.18 -28.59
N GLN B 217 -1.29 -9.98 -28.47
CA GLN B 217 -1.63 -8.90 -29.40
C GLN B 217 -0.76 -8.98 -30.66
N GLU B 218 -1.02 -8.07 -31.59
CA GLU B 218 -0.20 -7.97 -32.79
C GLU B 218 1.25 -7.66 -32.44
N ASP B 219 1.46 -6.78 -31.46
CA ASP B 219 2.80 -6.46 -30.97
C ASP B 219 3.50 -7.68 -30.38
N GLY B 220 2.79 -8.79 -30.21
CA GLY B 220 3.36 -9.95 -29.57
C GLY B 220 3.29 -9.93 -28.06
N LEU B 221 2.56 -8.99 -27.48
CA LEU B 221 2.46 -8.86 -26.05
C LEU B 221 1.13 -9.44 -25.55
N TRP B 222 1.17 -9.99 -24.35
CA TRP B 222 -0.01 -10.54 -23.71
C TRP B 222 -0.75 -9.43 -22.97
N LYS B 223 -2.07 -9.40 -23.10
CA LYS B 223 -2.91 -8.52 -22.29
C LYS B 223 -4.02 -9.34 -21.65
N PHE B 224 -4.33 -9.04 -20.38
CA PHE B 224 -5.44 -9.70 -19.67
C PHE B 224 -6.76 -9.15 -20.20
N CYS B 225 -7.62 -10.04 -20.72
CA CYS B 225 -8.96 -9.64 -21.18
C CYS B 225 -10.13 -10.06 -20.30
N GLN B 226 -9.97 -11.07 -19.43
CA GLN B 226 -11.07 -11.59 -18.62
C GLN B 226 -10.49 -12.19 -17.35
N SER B 227 -11.27 -12.15 -16.27
CA SER B 227 -10.82 -12.73 -15.02
C SER B 227 -12.02 -13.31 -14.26
N ASP B 228 -11.75 -14.38 -13.53
CA ASP B 228 -12.79 -15.16 -12.84
C ASP B 228 -12.25 -15.62 -11.51
N ILE B 229 -12.99 -15.35 -10.42
CA ILE B 229 -12.59 -15.82 -9.10
C ILE B 229 -13.07 -17.25 -8.91
N GLN B 230 -12.33 -18.02 -8.11
CA GLN B 230 -12.63 -19.43 -7.93
C GLN B 230 -12.74 -19.77 -6.44
N ILE B 231 -13.84 -20.45 -6.09
CA ILE B 231 -14.05 -21.19 -4.85
C ILE B 231 -13.09 -20.88 -3.70
#